data_3HH0
#
_entry.id   3HH0
#
_cell.length_a   47.559
_cell.length_b   96.159
_cell.length_c   148.882
_cell.angle_alpha   90.00
_cell.angle_beta   90.00
_cell.angle_gamma   90.00
#
_symmetry.space_group_name_H-M   'P 21 21 21'
#
loop_
_entity.id
_entity.type
_entity.pdbx_description
1 polymer 'Transcriptional regulator, MerR family'
2 water water
#
_entity_poly.entity_id   1
_entity_poly.type   'polypeptide(L)'
_entity_poly.pdbx_seq_one_letter_code
;(MSE)SLAWLISEFASVGDVTVRALRYYDKINLLKPSDYTEGGHRLYTKDDLYVLQQIQSFKHLGFSLGEIQNIILQRDI
ETEVFLRQ(MSE)HFQREVLLAEQERIAKVLSH(MSE)DE(MSE)TKKFQKEERVNVALFSSFLQTFIWEKENKEGHHHH
HH
;
_entity_poly.pdbx_strand_id   A,B,C,D
#
# COMPACT_ATOMS: atom_id res chain seq x y z
N LEU A 3 -0.53 35.69 -9.09
CA LEU A 3 0.01 34.41 -9.66
C LEU A 3 -1.10 33.43 -10.04
N ALA A 4 -0.90 32.70 -11.13
CA ALA A 4 -1.90 31.73 -11.58
C ALA A 4 -1.30 30.56 -12.34
N TRP A 5 -1.86 29.37 -12.14
CA TRP A 5 -1.39 28.18 -12.83
C TRP A 5 -2.51 27.38 -13.47
N LEU A 6 -2.24 26.88 -14.67
CA LEU A 6 -3.19 26.01 -15.35
C LEU A 6 -2.82 24.65 -14.75
N ILE A 7 -3.59 23.61 -14.99
CA ILE A 7 -3.28 22.33 -14.40
C ILE A 7 -1.92 21.73 -14.75
N SER A 8 -1.42 21.98 -15.97
CA SER A 8 -0.10 21.44 -16.33
C SER A 8 1.01 22.21 -15.66
N GLU A 9 0.88 23.54 -15.71
CA GLU A 9 1.87 24.42 -15.10
C GLU A 9 1.95 24.12 -13.62
N PHE A 10 0.79 23.85 -13.03
CA PHE A 10 0.67 23.56 -11.60
C PHE A 10 1.28 22.20 -11.28
N ALA A 11 1.05 21.23 -12.17
CA ALA A 11 1.59 19.90 -11.97
C ALA A 11 3.11 19.95 -11.96
N SER A 12 3.70 20.68 -12.90
CA SER A 12 5.15 20.80 -12.99
C SER A 12 5.75 21.51 -11.78
N VAL A 13 5.05 22.54 -11.31
CA VAL A 13 5.51 23.30 -10.15
C VAL A 13 5.60 22.50 -8.85
N GLY A 14 4.58 21.73 -8.52
CA GLY A 14 4.63 20.96 -7.30
C GLY A 14 5.17 19.56 -7.50
N ASP A 15 5.64 19.30 -8.72
CA ASP A 15 6.17 18.00 -9.12
C ASP A 15 5.14 16.93 -8.80
N VAL A 16 3.95 17.15 -9.32
CA VAL A 16 2.84 16.23 -9.14
C VAL A 16 2.27 16.05 -10.52
N THR A 17 1.61 14.91 -10.76
CA THR A 17 1.04 14.62 -12.06
C THR A 17 -0.33 15.28 -12.20
N VAL A 18 -0.80 15.35 -13.44
CA VAL A 18 -2.11 15.94 -13.75
C VAL A 18 -3.20 15.02 -13.19
N ARG A 19 -2.97 13.71 -13.29
CA ARG A 19 -3.89 12.73 -12.78
C ARG A 19 -4.04 12.89 -11.27
N ALA A 20 -2.93 13.10 -10.59
CA ALA A 20 -2.95 13.28 -9.14
C ALA A 20 -3.76 14.53 -8.79
N LEU A 21 -3.58 15.60 -9.56
CA LEU A 21 -4.31 16.84 -9.33
C LEU A 21 -5.80 16.66 -9.56
N ARG A 22 -6.18 15.87 -10.55
CA ARG A 22 -7.58 15.62 -10.83
C ARG A 22 -8.21 14.84 -9.69
N TYR A 23 -7.46 13.90 -9.16
CA TYR A 23 -7.93 13.06 -8.05
C TYR A 23 -8.14 13.91 -6.79
N TYR A 24 -7.15 14.74 -6.44
CA TYR A 24 -7.26 15.60 -5.27
C TYR A 24 -8.49 16.47 -5.40
N ASP A 25 -8.75 16.87 -6.63
CA ASP A 25 -9.90 17.72 -6.96
C ASP A 25 -11.18 16.91 -6.71
N LYS A 26 -11.18 15.66 -7.19
CA LYS A 26 -12.33 14.78 -7.03
C LYS A 26 -12.68 14.47 -5.57
N ILE A 27 -11.67 14.22 -4.73
CA ILE A 27 -11.93 13.89 -3.32
C ILE A 27 -11.93 15.11 -2.39
N ASN A 28 -11.98 16.29 -2.99
CA ASN A 28 -12.00 17.54 -2.24
C ASN A 28 -10.80 17.74 -1.31
N LEU A 29 -9.63 17.27 -1.70
CA LEU A 29 -8.43 17.46 -0.87
C LEU A 29 -7.82 18.81 -1.27
N LEU A 30 -7.75 19.06 -2.57
CA LEU A 30 -7.22 20.30 -3.11
C LEU A 30 -8.00 20.66 -4.36
N LYS A 31 -8.82 21.70 -4.25
CA LYS A 31 -9.62 22.15 -5.38
C LYS A 31 -9.10 23.49 -5.90
N PRO A 32 -9.16 23.71 -7.22
CA PRO A 32 -8.69 24.97 -7.84
C PRO A 32 -9.57 26.07 -7.26
N SER A 33 -8.97 27.17 -6.83
CA SER A 33 -9.76 28.23 -6.23
C SER A 33 -10.42 29.14 -7.26
N ASP A 34 -9.93 29.07 -8.48
CA ASP A 34 -10.49 29.92 -9.53
C ASP A 34 -10.53 29.14 -10.83
N TYR A 35 -11.42 29.52 -11.71
CA TYR A 35 -11.55 28.84 -13.00
C TYR A 35 -11.54 29.84 -14.14
N THR A 36 -11.20 29.33 -15.31
CA THR A 36 -11.13 30.13 -16.52
C THR A 36 -12.58 30.24 -17.02
N GLU A 37 -12.90 31.27 -17.81
CA GLU A 37 -14.27 31.42 -18.29
C GLU A 37 -14.66 30.29 -19.26
N GLY A 38 -13.66 29.61 -19.80
CA GLY A 38 -13.92 28.52 -20.70
C GLY A 38 -13.92 27.18 -19.99
N GLY A 39 -13.93 27.22 -18.66
CA GLY A 39 -13.95 25.99 -17.90
C GLY A 39 -12.69 25.46 -17.25
N HIS A 40 -11.52 25.80 -17.79
CA HIS A 40 -10.24 25.34 -17.25
C HIS A 40 -9.93 25.80 -15.84
N ARG A 41 -9.31 24.92 -15.06
CA ARG A 41 -8.95 25.23 -13.68
C ARG A 41 -7.85 26.27 -13.61
N LEU A 42 -7.96 27.18 -12.63
CA LEU A 42 -6.97 28.20 -12.40
C LEU A 42 -6.52 28.10 -10.96
N TYR A 43 -5.35 27.52 -10.74
CA TYR A 43 -4.82 27.37 -9.39
C TYR A 43 -4.16 28.66 -8.91
N THR A 44 -4.40 28.96 -7.65
CA THR A 44 -3.90 30.18 -7.00
C THR A 44 -2.69 29.95 -6.13
N LYS A 45 -2.08 31.06 -5.68
CA LYS A 45 -0.93 30.99 -4.80
C LYS A 45 -1.37 30.25 -3.53
N ASP A 46 -2.59 30.53 -3.10
CA ASP A 46 -3.14 29.89 -1.93
C ASP A 46 -3.25 28.39 -2.14
N ASP A 47 -3.62 28.01 -3.36
CA ASP A 47 -3.73 26.60 -3.70
C ASP A 47 -2.33 26.00 -3.70
N LEU A 48 -1.35 26.81 -4.06
CA LEU A 48 0.03 26.38 -4.10
C LEU A 48 0.55 25.99 -2.73
N TYR A 49 0.13 26.69 -1.69
CA TYR A 49 0.60 26.37 -0.34
C TYR A 49 0.00 25.04 0.12
N VAL A 50 -1.31 24.88 -0.11
CA VAL A 50 -1.98 23.65 0.28
C VAL A 50 -1.33 22.46 -0.44
N LEU A 51 -0.95 22.64 -1.71
CA LEU A 51 -0.30 21.56 -2.45
C LEU A 51 1.01 21.15 -1.74
N GLN A 52 1.81 22.16 -1.39
CA GLN A 52 3.07 21.92 -0.71
C GLN A 52 2.88 21.27 0.66
N GLN A 53 1.79 21.62 1.34
CA GLN A 53 1.50 21.03 2.64
C GLN A 53 1.20 19.55 2.40
N ILE A 54 0.35 19.27 1.42
CA ILE A 54 0.01 17.90 1.09
C ILE A 54 1.31 17.11 0.81
N GLN A 55 2.22 17.70 0.03
CA GLN A 55 3.46 17.01 -0.30
C GLN A 55 4.37 16.86 0.93
N SER A 56 4.51 17.92 1.70
CA SER A 56 5.34 17.89 2.89
C SER A 56 4.95 16.76 3.85
N PHE A 57 3.64 16.59 4.05
CA PHE A 57 3.17 15.55 4.93
C PHE A 57 3.15 14.19 4.29
N LYS A 58 3.04 14.15 2.96
CA LYS A 58 3.08 12.88 2.27
C LYS A 58 4.50 12.39 2.47
N HIS A 59 5.45 13.28 2.23
CA HIS A 59 6.86 12.98 2.38
C HIS A 59 7.17 12.37 3.72
N LEU A 60 6.42 12.79 4.74
CA LEU A 60 6.60 12.29 6.09
C LEU A 60 5.90 10.95 6.29
N GLY A 61 5.10 10.55 5.30
CA GLY A 61 4.40 9.29 5.38
C GLY A 61 2.97 9.31 5.84
N PHE A 62 2.38 10.50 5.93
CA PHE A 62 0.98 10.60 6.37
C PHE A 62 0.04 10.25 5.24
N SER A 63 -1.16 9.80 5.60
CA SER A 63 -2.15 9.43 4.60
C SER A 63 -2.90 10.67 4.18
N LEU A 64 -3.63 10.57 3.07
CA LEU A 64 -4.39 11.71 2.58
C LEU A 64 -5.47 12.15 3.56
N GLY A 65 -6.11 11.19 4.21
CA GLY A 65 -7.13 11.52 5.19
C GLY A 65 -6.52 12.32 6.31
N GLU A 66 -5.40 11.82 6.83
CA GLU A 66 -4.70 12.49 7.92
C GLU A 66 -4.32 13.89 7.48
N ILE A 67 -3.76 13.98 6.28
CA ILE A 67 -3.34 15.26 5.71
C ILE A 67 -4.50 16.24 5.58
N GLN A 68 -5.70 15.75 5.25
CA GLN A 68 -6.85 16.64 5.13
C GLN A 68 -7.15 17.26 6.49
N ASN A 69 -7.15 16.44 7.53
CA ASN A 69 -7.41 16.95 8.88
C ASN A 69 -6.38 18.01 9.24
N ILE A 70 -5.11 17.75 8.94
CA ILE A 70 -4.05 18.69 9.22
C ILE A 70 -4.20 20.00 8.44
N ILE A 71 -4.30 19.91 7.13
CA ILE A 71 -4.43 21.12 6.32
C ILE A 71 -5.77 21.85 6.50
N LEU A 72 -6.70 21.27 7.26
CA LEU A 72 -7.97 21.96 7.47
C LEU A 72 -7.91 22.88 8.68
N GLN A 73 -6.81 22.80 9.42
CA GLN A 73 -6.62 23.64 10.59
C GLN A 73 -5.26 24.33 10.49
N ARG A 74 -5.27 25.65 10.38
CA ARG A 74 -4.06 26.47 10.26
C ARG A 74 -2.87 26.00 11.10
N ASP A 75 -3.10 25.88 12.41
CA ASP A 75 -2.05 25.44 13.31
C ASP A 75 -2.60 24.51 14.38
N ILE A 76 -1.71 23.68 14.90
CA ILE A 76 -2.06 22.69 15.89
C ILE A 76 -1.29 22.92 17.16
N GLU A 77 -1.83 22.44 18.27
CA GLU A 77 -1.21 22.59 19.59
C GLU A 77 0.04 21.73 19.67
N THR A 78 1.18 22.39 19.86
CA THR A 78 2.47 21.71 19.92
C THR A 78 2.49 20.36 20.62
N GLU A 79 1.89 20.26 21.80
CA GLU A 79 1.85 19.00 22.53
C GLU A 79 1.26 17.88 21.65
N VAL A 80 0.08 18.15 21.08
CA VAL A 80 -0.61 17.17 20.25
C VAL A 80 0.09 16.91 18.91
N PHE A 81 0.66 17.96 18.35
CA PHE A 81 1.35 17.83 17.07
C PHE A 81 2.47 16.83 17.23
N LEU A 82 3.33 17.09 18.20
CA LEU A 82 4.47 16.23 18.45
C LEU A 82 4.00 14.82 18.75
N ARG A 83 2.89 14.69 19.46
CA ARG A 83 2.38 13.37 19.77
C ARG A 83 2.19 12.64 18.45
N GLN A 84 1.53 13.31 17.51
CA GLN A 84 1.26 12.75 16.21
C GLN A 84 2.52 12.48 15.40
N HIS A 86 5.41 11.85 16.70
CA HIS A 86 6.10 10.74 17.37
C HIS A 86 5.54 9.38 17.00
N PHE A 87 4.22 9.31 16.86
CA PHE A 87 3.57 8.06 16.49
C PHE A 87 4.07 7.70 15.10
N GLN A 88 3.98 8.66 14.19
CA GLN A 88 4.41 8.45 12.81
C GLN A 88 5.88 8.08 12.74
N ARG A 89 6.69 8.66 13.61
CA ARG A 89 8.10 8.38 13.65
C ARG A 89 8.35 6.92 14.03
N GLU A 90 7.43 6.36 14.82
CA GLU A 90 7.53 4.96 15.23
C GLU A 90 7.24 4.04 14.06
N VAL A 91 6.20 4.39 13.30
CA VAL A 91 5.83 3.61 12.13
C VAL A 91 7.03 3.48 11.22
N LEU A 92 7.75 4.59 11.04
CA LEU A 92 8.93 4.62 10.19
C LEU A 92 10.06 3.75 10.74
N LEU A 93 10.19 3.71 12.06
CA LEU A 93 11.23 2.90 12.68
C LEU A 93 10.87 1.42 12.54
N ALA A 94 9.58 1.13 12.59
CA ALA A 94 9.13 -0.24 12.45
C ALA A 94 9.47 -0.72 11.03
N GLU A 95 9.12 0.08 10.02
CA GLU A 95 9.41 -0.26 8.62
C GLU A 95 10.90 -0.43 8.39
N GLN A 96 11.67 0.52 8.89
CA GLN A 96 13.12 0.48 8.73
C GLN A 96 13.64 -0.85 9.24
N GLU A 97 13.19 -1.24 10.43
CA GLU A 97 13.64 -2.49 11.03
C GLU A 97 13.18 -3.73 10.27
N ARG A 98 11.94 -3.68 9.77
CA ARG A 98 11.39 -4.79 9.01
C ARG A 98 12.18 -5.00 7.72
N ILE A 99 12.37 -3.92 6.96
CA ILE A 99 13.11 -3.97 5.71
C ILE A 99 14.54 -4.51 5.92
N ALA A 100 15.10 -4.28 7.09
CA ALA A 100 16.45 -4.74 7.36
C ALA A 100 16.44 -6.26 7.44
N LYS A 101 15.41 -6.83 8.05
CA LYS A 101 15.32 -8.29 8.15
C LYS A 101 15.14 -8.89 6.76
N VAL A 102 14.24 -8.31 5.96
CA VAL A 102 13.95 -8.80 4.62
C VAL A 102 15.22 -8.88 3.75
N LEU A 103 15.99 -7.79 3.73
CA LEU A 103 17.23 -7.77 2.94
C LEU A 103 18.10 -8.92 3.44
N SER A 104 18.21 -9.01 4.77
CA SER A 104 18.98 -10.05 5.40
C SER A 104 18.53 -11.45 4.95
N HIS A 105 17.22 -11.67 4.96
CA HIS A 105 16.63 -12.94 4.55
C HIS A 105 16.95 -13.24 3.09
N ASP A 107 19.62 -12.08 1.45
CA ASP A 107 21.05 -12.36 1.28
C ASP A 107 21.33 -13.83 1.52
N GLU A 108 20.65 -14.39 2.51
CA GLU A 108 20.80 -15.80 2.85
C GLU A 108 20.27 -16.69 1.72
N THR A 110 19.76 -15.90 -1.41
CA THR A 110 20.56 -15.74 -2.62
C THR A 110 21.77 -16.66 -2.55
N LYS A 111 22.43 -16.67 -1.39
CA LYS A 111 23.61 -17.51 -1.17
C LYS A 111 23.29 -19.00 -1.31
N LYS A 112 22.10 -19.38 -0.89
CA LYS A 112 21.64 -20.77 -0.94
C LYS A 112 21.44 -21.35 -2.34
N PHE A 113 20.67 -20.66 -3.18
CA PHE A 113 20.40 -21.18 -4.52
C PHE A 113 21.27 -20.59 -5.62
N GLN A 114 22.25 -19.77 -5.23
CA GLN A 114 23.16 -19.14 -6.19
C GLN A 114 23.76 -20.09 -7.23
N LYS A 115 24.08 -21.32 -6.82
CA LYS A 115 24.68 -22.29 -7.71
C LYS A 115 23.75 -23.37 -8.25
N GLU A 116 22.45 -23.16 -8.06
CA GLU A 116 21.47 -24.13 -8.54
C GLU A 116 20.84 -23.60 -9.82
N GLU A 117 20.57 -24.51 -10.76
CA GLU A 117 19.96 -24.14 -12.04
C GLU A 117 18.49 -23.82 -11.84
N ARG A 118 17.86 -24.54 -10.90
CA ARG A 118 16.45 -24.36 -10.60
C ARG A 118 16.20 -24.13 -9.11
N VAL A 119 15.18 -23.32 -8.81
CA VAL A 119 14.81 -23.11 -7.42
C VAL A 119 13.51 -23.91 -7.21
N ASN A 120 13.54 -24.87 -6.31
CA ASN A 120 12.35 -25.65 -6.03
C ASN A 120 11.55 -24.83 -5.04
N VAL A 121 10.36 -24.43 -5.46
CA VAL A 121 9.47 -23.61 -4.65
C VAL A 121 9.26 -24.09 -3.22
N ALA A 122 8.86 -25.34 -3.05
CA ALA A 122 8.61 -25.89 -1.73
C ALA A 122 9.85 -25.95 -0.85
N LEU A 123 10.99 -26.27 -1.46
CA LEU A 123 12.25 -26.37 -0.75
C LEU A 123 12.71 -24.99 -0.32
N PHE A 124 12.60 -24.03 -1.25
CA PHE A 124 12.96 -22.64 -1.01
C PHE A 124 12.19 -22.10 0.20
N SER A 125 10.87 -22.25 0.15
CA SER A 125 9.98 -21.81 1.21
C SER A 125 10.40 -22.40 2.57
N SER A 126 10.82 -23.67 2.59
CA SER A 126 11.27 -24.26 3.86
C SER A 126 12.53 -23.57 4.39
N PHE A 127 13.49 -23.31 3.51
CA PHE A 127 14.72 -22.65 3.93
C PHE A 127 14.46 -21.21 4.40
N LEU A 128 13.58 -20.49 3.72
CA LEU A 128 13.29 -19.13 4.12
C LEU A 128 12.64 -19.11 5.49
N GLN A 129 11.66 -19.97 5.69
CA GLN A 129 10.97 -20.03 6.98
C GLN A 129 11.90 -20.48 8.09
N THR A 130 12.76 -21.45 7.81
CA THR A 130 13.68 -21.92 8.84
C THR A 130 14.65 -20.79 9.19
N PHE A 131 15.06 -20.02 8.20
CA PHE A 131 15.98 -18.92 8.45
C PHE A 131 15.31 -17.81 9.24
N ILE A 132 14.13 -17.38 8.83
CA ILE A 132 13.44 -16.31 9.55
C ILE A 132 13.24 -16.69 11.01
N TRP A 133 12.79 -17.92 11.26
CA TRP A 133 12.56 -18.38 12.61
C TRP A 133 13.87 -18.58 13.37
N GLU A 134 14.85 -19.16 12.71
CA GLU A 134 16.15 -19.42 13.30
C GLU A 134 16.78 -18.16 13.88
N LYS A 135 16.54 -17.02 13.24
CA LYS A 135 17.07 -15.77 13.73
C LYS A 135 15.95 -14.96 14.39
N GLU A 136 15.19 -15.65 15.23
CA GLU A 136 14.08 -15.07 15.99
C GLU A 136 14.58 -14.94 17.43
N LEU B 3 -8.19 -13.75 34.39
CA LEU B 3 -8.53 -14.52 33.16
C LEU B 3 -8.09 -13.77 31.89
N ALA B 4 -6.94 -13.10 31.95
CA ALA B 4 -6.41 -12.36 30.81
C ALA B 4 -6.01 -13.35 29.73
N TRP B 5 -5.66 -12.83 28.55
CA TRP B 5 -5.28 -13.68 27.43
C TRP B 5 -3.81 -13.66 27.06
N LEU B 6 -3.32 -14.81 26.61
CA LEU B 6 -1.95 -14.94 26.14
C LEU B 6 -1.99 -14.28 24.77
N ILE B 7 -0.83 -13.91 24.24
CA ILE B 7 -0.78 -13.28 22.93
C ILE B 7 -1.51 -14.13 21.88
N SER B 8 -1.19 -15.42 21.83
CA SER B 8 -1.80 -16.35 20.88
C SER B 8 -3.32 -16.45 21.05
N GLU B 9 -3.78 -16.39 22.29
CA GLU B 9 -5.21 -16.46 22.57
C GLU B 9 -5.89 -15.22 22.00
N PHE B 10 -5.35 -14.07 22.32
CA PHE B 10 -5.88 -12.79 21.87
C PHE B 10 -6.00 -12.76 20.34
N ALA B 11 -4.97 -13.28 19.68
CA ALA B 11 -4.92 -13.33 18.23
C ALA B 11 -6.12 -14.10 17.69
N SER B 12 -6.36 -15.29 18.23
CA SER B 12 -7.49 -16.10 17.81
C SER B 12 -8.81 -15.37 18.09
N VAL B 13 -8.91 -14.82 19.30
CA VAL B 13 -10.12 -14.12 19.69
C VAL B 13 -10.48 -12.97 18.75
N GLY B 14 -9.53 -12.06 18.53
CA GLY B 14 -9.80 -10.91 17.68
C GLY B 14 -9.43 -11.06 16.22
N ASP B 15 -9.01 -12.27 15.86
CA ASP B 15 -8.61 -12.61 14.50
C ASP B 15 -7.56 -11.65 13.93
N VAL B 16 -6.47 -11.53 14.67
CA VAL B 16 -5.33 -10.69 14.32
C VAL B 16 -4.10 -11.60 14.43
N THR B 17 -3.10 -11.40 13.59
CA THR B 17 -1.93 -12.25 13.71
C THR B 17 -1.12 -11.76 14.89
N VAL B 18 -0.29 -12.65 15.43
CA VAL B 18 0.55 -12.30 16.57
C VAL B 18 1.52 -11.20 16.15
N ARG B 19 2.04 -11.35 14.94
CA ARG B 19 2.96 -10.40 14.34
C ARG B 19 2.31 -9.02 14.36
N ALA B 20 1.04 -8.96 13.97
CA ALA B 20 0.30 -7.69 13.96
C ALA B 20 0.11 -7.12 15.37
N LEU B 21 0.03 -7.99 16.38
CA LEU B 21 -0.12 -7.54 17.76
C LEU B 21 1.18 -6.97 18.28
N ARG B 22 2.29 -7.63 17.96
CA ARG B 22 3.60 -7.17 18.39
C ARG B 22 3.79 -5.80 17.74
N TYR B 23 3.38 -5.69 16.48
CA TYR B 23 3.45 -4.44 15.75
C TYR B 23 2.63 -3.33 16.43
N TYR B 24 1.34 -3.56 16.65
CA TYR B 24 0.50 -2.55 17.30
C TYR B 24 1.02 -2.15 18.68
N ASP B 25 1.58 -3.11 19.41
CA ASP B 25 2.12 -2.87 20.73
C ASP B 25 3.37 -2.03 20.61
N LYS B 26 4.12 -2.28 19.53
CA LYS B 26 5.37 -1.59 19.27
C LYS B 26 5.18 -0.11 18.92
N ILE B 27 4.19 0.21 18.09
CA ILE B 27 3.96 1.62 17.73
C ILE B 27 3.02 2.25 18.75
N ASN B 28 2.77 1.52 19.83
CA ASN B 28 1.93 1.98 20.92
C ASN B 28 0.48 2.27 20.52
N LEU B 29 -0.06 1.47 19.60
CA LEU B 29 -1.44 1.64 19.17
C LEU B 29 -2.37 0.77 20.02
N LEU B 30 -1.81 -0.29 20.58
CA LEU B 30 -2.56 -1.24 21.42
C LEU B 30 -1.53 -2.02 22.22
N LYS B 31 -1.45 -1.73 23.52
CA LYS B 31 -0.51 -2.41 24.41
C LYS B 31 -1.31 -3.27 25.37
N PRO B 32 -0.87 -4.50 25.65
CA PRO B 32 -1.67 -5.30 26.58
C PRO B 32 -1.71 -4.60 27.95
N SER B 33 -2.86 -4.64 28.60
CA SER B 33 -3.03 -3.95 29.88
C SER B 33 -2.52 -4.66 31.14
N ASP B 34 -2.63 -5.98 31.18
CA ASP B 34 -2.21 -6.74 32.35
C ASP B 34 -0.72 -7.00 32.50
N TYR B 35 -0.36 -7.41 33.72
CA TYR B 35 1.00 -7.74 34.11
C TYR B 35 0.91 -8.68 35.30
N THR B 36 1.71 -9.74 35.32
CA THR B 36 1.71 -10.65 36.45
C THR B 36 2.88 -10.21 37.31
N GLU B 37 3.98 -10.95 37.20
CA GLU B 37 5.21 -10.64 37.93
C GLU B 37 6.26 -11.04 36.89
N GLY B 38 7.52 -10.72 37.13
CA GLY B 38 8.54 -11.07 36.16
C GLY B 38 8.06 -10.66 34.77
N GLY B 39 7.26 -9.60 34.73
CA GLY B 39 6.72 -9.09 33.49
C GLY B 39 5.53 -9.89 32.97
N HIS B 40 5.51 -10.09 31.66
CA HIS B 40 4.47 -10.85 30.97
C HIS B 40 3.27 -10.05 30.43
N ARG B 41 3.03 -10.25 29.13
CA ARG B 41 1.98 -9.62 28.35
C ARG B 41 0.60 -9.65 29.00
N LEU B 42 -0.28 -10.47 28.44
CA LEU B 42 -1.64 -10.63 28.91
C LEU B 42 -2.54 -9.45 28.54
N TYR B 43 -3.48 -9.72 27.63
CA TYR B 43 -4.45 -8.75 27.14
C TYR B 43 -5.74 -8.91 27.94
N THR B 44 -6.54 -7.85 28.04
CA THR B 44 -7.80 -7.91 28.79
C THR B 44 -9.01 -7.69 27.87
N LYS B 45 -10.21 -7.79 28.46
CA LYS B 45 -11.43 -7.61 27.69
C LYS B 45 -11.55 -6.15 27.20
N ASP B 46 -10.91 -5.23 27.90
CA ASP B 46 -10.96 -3.84 27.47
C ASP B 46 -10.07 -3.71 26.25
N ASP B 47 -8.99 -4.49 26.22
CA ASP B 47 -8.06 -4.45 25.09
C ASP B 47 -8.77 -4.93 23.83
N LEU B 48 -9.64 -5.93 23.98
CA LEU B 48 -10.38 -6.46 22.85
C LEU B 48 -11.28 -5.37 22.21
N TYR B 49 -11.96 -4.57 23.03
CA TYR B 49 -12.82 -3.51 22.51
C TYR B 49 -12.00 -2.53 21.69
N VAL B 50 -10.83 -2.17 22.19
CA VAL B 50 -9.98 -1.25 21.47
C VAL B 50 -9.51 -1.94 20.19
N LEU B 51 -9.22 -3.23 20.26
CA LEU B 51 -8.80 -3.91 19.05
C LEU B 51 -9.95 -3.82 18.06
N GLN B 52 -11.15 -4.25 18.49
CA GLN B 52 -12.34 -4.20 17.62
C GLN B 52 -12.55 -2.80 17.12
N GLN B 53 -12.27 -1.82 17.97
CA GLN B 53 -12.41 -0.44 17.57
C GLN B 53 -11.45 -0.19 16.40
N ILE B 54 -10.20 -0.61 16.55
CA ILE B 54 -9.22 -0.44 15.49
C ILE B 54 -9.69 -1.10 14.19
N GLN B 55 -10.22 -2.31 14.30
CA GLN B 55 -10.70 -3.02 13.13
C GLN B 55 -11.87 -2.30 12.46
N SER B 56 -12.73 -1.69 13.27
CA SER B 56 -13.88 -0.94 12.76
C SER B 56 -13.43 0.19 11.83
N PHE B 57 -12.37 0.87 12.23
CA PHE B 57 -11.88 1.98 11.44
C PHE B 57 -11.00 1.62 10.27
N LYS B 58 -10.40 0.43 10.30
CA LYS B 58 -9.58 0.02 9.18
C LYS B 58 -10.55 -0.34 8.08
N HIS B 59 -11.65 -0.98 8.48
CA HIS B 59 -12.74 -1.41 7.60
C HIS B 59 -13.21 -0.19 6.81
N LEU B 60 -13.29 0.95 7.49
CA LEU B 60 -13.75 2.17 6.86
C LEU B 60 -12.65 2.87 6.08
N GLY B 61 -11.45 2.27 6.07
CA GLY B 61 -10.35 2.83 5.31
C GLY B 61 -9.39 3.82 5.96
N PHE B 62 -9.50 4.04 7.28
CA PHE B 62 -8.63 4.97 7.99
C PHE B 62 -7.25 4.36 8.28
N SER B 63 -6.22 5.19 8.39
CA SER B 63 -4.88 4.70 8.69
C SER B 63 -4.63 4.65 10.18
N LEU B 64 -3.67 3.83 10.58
CA LEU B 64 -3.32 3.67 11.98
C LEU B 64 -3.18 5.03 12.66
N GLY B 65 -2.64 6.00 11.93
CA GLY B 65 -2.48 7.34 12.46
C GLY B 65 -3.81 7.94 12.89
N GLU B 66 -4.76 8.01 11.97
CA GLU B 66 -6.09 8.56 12.29
C GLU B 66 -6.77 7.75 13.38
N ILE B 67 -6.71 6.43 13.25
CA ILE B 67 -7.33 5.57 14.25
C ILE B 67 -6.75 5.91 15.61
N GLN B 68 -5.44 6.11 15.67
CA GLN B 68 -4.79 6.47 16.91
C GLN B 68 -5.44 7.74 17.44
N ASN B 69 -5.54 8.76 16.59
CA ASN B 69 -6.17 10.01 16.98
C ASN B 69 -7.58 9.77 17.50
N ILE B 70 -8.38 9.07 16.71
CA ILE B 70 -9.77 8.76 17.06
C ILE B 70 -9.90 8.07 18.42
N ILE B 71 -9.21 6.95 18.58
CA ILE B 71 -9.25 6.18 19.81
C ILE B 71 -8.83 6.99 21.04
N LEU B 72 -7.89 7.91 20.88
CA LEU B 72 -7.45 8.70 22.01
C LEU B 72 -8.50 9.71 22.46
N GLN B 73 -9.75 9.44 22.13
CA GLN B 73 -10.87 10.30 22.50
C GLN B 73 -12.08 9.44 22.81
N ARG B 74 -13.04 10.01 23.53
CA ARG B 74 -14.24 9.27 23.85
C ARG B 74 -15.21 9.56 22.71
N ASP B 75 -15.40 10.84 22.42
CA ASP B 75 -16.29 11.29 21.35
C ASP B 75 -15.52 12.25 20.45
N ILE B 76 -15.77 12.17 19.15
CA ILE B 76 -15.04 13.00 18.20
C ILE B 76 -15.87 14.05 17.45
N GLU B 77 -17.00 14.46 18.02
CA GLU B 77 -17.85 15.49 17.40
C GLU B 77 -18.27 15.21 15.97
N THR B 78 -19.53 14.83 15.81
CA THR B 78 -20.13 14.49 14.53
C THR B 78 -19.59 15.22 13.29
N GLU B 79 -19.97 16.48 13.13
CA GLU B 79 -19.53 17.29 12.00
C GLU B 79 -18.15 16.91 11.44
N VAL B 80 -17.10 17.19 12.19
CA VAL B 80 -15.75 16.89 11.76
C VAL B 80 -15.57 15.41 11.44
N PHE B 81 -16.22 14.54 12.21
CA PHE B 81 -16.12 13.11 11.97
C PHE B 81 -16.72 12.69 10.64
N LEU B 82 -17.95 13.14 10.39
CA LEU B 82 -18.64 12.81 9.15
C LEU B 82 -17.80 13.25 7.96
N ARG B 83 -17.14 14.39 8.09
CA ARG B 83 -16.28 14.90 7.03
C ARG B 83 -15.15 13.91 6.82
N GLN B 84 -14.61 13.41 7.93
CA GLN B 84 -13.52 12.46 7.88
C GLN B 84 -13.94 11.19 7.15
N HIS B 86 -16.71 10.86 5.32
CA HIS B 86 -17.14 11.19 3.97
C HIS B 86 -15.94 11.27 3.03
N PHE B 87 -14.78 11.66 3.56
CA PHE B 87 -13.57 11.75 2.76
C PHE B 87 -13.21 10.34 2.29
N GLN B 88 -13.15 9.41 3.23
CA GLN B 88 -12.84 8.01 2.91
C GLN B 88 -13.82 7.47 1.88
N ARG B 89 -15.04 8.00 1.89
CA ARG B 89 -16.07 7.58 0.96
C ARG B 89 -15.71 8.01 -0.47
N GLU B 90 -15.20 9.24 -0.61
CA GLU B 90 -14.81 9.73 -1.92
C GLU B 90 -13.64 8.90 -2.45
N VAL B 91 -12.74 8.48 -1.54
CA VAL B 91 -11.60 7.68 -1.92
C VAL B 91 -12.10 6.35 -2.46
N LEU B 92 -13.11 5.80 -1.81
CA LEU B 92 -13.69 4.54 -2.22
C LEU B 92 -14.42 4.65 -3.55
N LEU B 93 -15.21 5.71 -3.71
CA LEU B 93 -15.93 5.91 -4.96
C LEU B 93 -14.96 6.02 -6.13
N ALA B 94 -13.93 6.84 -5.96
CA ALA B 94 -12.93 7.02 -6.99
C ALA B 94 -12.35 5.66 -7.34
N GLU B 95 -12.07 4.85 -6.31
CA GLU B 95 -11.50 3.53 -6.53
C GLU B 95 -12.48 2.60 -7.25
N GLN B 96 -13.74 2.70 -6.87
CA GLN B 96 -14.76 1.86 -7.48
C GLN B 96 -14.82 2.13 -8.98
N GLU B 97 -14.72 3.40 -9.37
CA GLU B 97 -14.74 3.77 -10.78
C GLU B 97 -13.47 3.26 -11.48
N ARG B 98 -12.35 3.33 -10.78
CA ARG B 98 -11.09 2.91 -11.36
C ARG B 98 -11.02 1.42 -11.64
N ILE B 99 -11.57 0.61 -10.73
CA ILE B 99 -11.56 -0.85 -10.87
C ILE B 99 -12.47 -1.29 -12.01
N ALA B 100 -13.56 -0.55 -12.17
CA ALA B 100 -14.53 -0.84 -13.22
C ALA B 100 -13.83 -0.77 -14.58
N LYS B 101 -13.03 0.27 -14.75
CA LYS B 101 -12.31 0.47 -16.00
C LYS B 101 -11.23 -0.60 -16.20
N VAL B 102 -10.44 -0.83 -15.16
CA VAL B 102 -9.37 -1.82 -15.25
C VAL B 102 -9.91 -3.17 -15.68
N LEU B 103 -11.03 -3.58 -15.10
CA LEU B 103 -11.64 -4.86 -15.44
C LEU B 103 -11.97 -4.87 -16.94
N SER B 104 -12.57 -3.79 -17.42
CA SER B 104 -12.96 -3.63 -18.81
C SER B 104 -11.76 -3.65 -19.76
N HIS B 105 -10.66 -3.06 -19.33
CA HIS B 105 -9.46 -3.02 -20.14
C HIS B 105 -8.89 -4.43 -20.27
N ASP B 107 -10.45 -7.50 -19.80
CA ASP B 107 -11.33 -8.40 -20.52
C ASP B 107 -11.19 -8.10 -22.01
N GLU B 108 -10.95 -6.82 -22.31
CA GLU B 108 -10.78 -6.38 -23.68
C GLU B 108 -9.48 -6.93 -24.24
N THR B 110 -7.67 -9.39 -23.24
CA THR B 110 -7.75 -10.83 -23.37
C THR B 110 -8.38 -11.21 -24.73
N LYS B 111 -9.60 -10.73 -24.99
CA LYS B 111 -10.25 -11.02 -26.26
C LYS B 111 -9.35 -10.69 -27.45
N LYS B 112 -8.59 -9.60 -27.35
CA LYS B 112 -7.70 -9.20 -28.42
C LYS B 112 -6.52 -10.13 -28.64
N PHE B 113 -5.92 -10.65 -27.58
CA PHE B 113 -4.74 -11.50 -27.73
C PHE B 113 -4.82 -13.00 -27.47
N GLN B 114 -5.97 -13.48 -26.99
CA GLN B 114 -6.16 -14.90 -26.74
C GLN B 114 -5.56 -15.81 -27.82
N LYS B 115 -5.75 -15.44 -29.08
CA LYS B 115 -5.26 -16.23 -30.21
C LYS B 115 -3.74 -16.30 -30.34
N GLU B 116 -3.04 -15.25 -29.91
CA GLU B 116 -1.58 -15.23 -30.06
C GLU B 116 -0.80 -16.11 -29.12
N GLU B 117 0.06 -16.95 -29.68
CA GLU B 117 0.90 -17.84 -28.89
C GLU B 117 1.98 -16.99 -28.23
N ARG B 118 2.38 -15.92 -28.91
CA ARG B 118 3.41 -15.01 -28.41
C ARG B 118 3.03 -13.57 -28.78
N VAL B 119 3.50 -12.61 -27.99
CA VAL B 119 3.22 -11.20 -28.24
C VAL B 119 4.46 -10.33 -28.04
N ASN B 120 4.53 -9.26 -28.82
CA ASN B 120 5.61 -8.33 -28.69
C ASN B 120 5.22 -7.49 -27.46
N VAL B 121 6.09 -7.47 -26.47
CA VAL B 121 5.84 -6.75 -25.22
C VAL B 121 5.48 -5.30 -25.45
N ALA B 122 6.15 -4.66 -26.41
CA ALA B 122 5.88 -3.28 -26.71
C ALA B 122 4.51 -3.12 -27.36
N LEU B 123 4.25 -3.88 -28.42
CA LEU B 123 2.98 -3.81 -29.11
C LEU B 123 1.85 -4.07 -28.11
N PHE B 124 2.13 -4.94 -27.15
CA PHE B 124 1.16 -5.23 -26.11
C PHE B 124 1.53 -4.27 -24.97
N SER B 125 1.00 -3.05 -25.07
CA SER B 125 1.26 -2.00 -24.10
C SER B 125 0.71 -0.80 -24.84
N SER B 126 1.15 -0.65 -26.08
CA SER B 126 0.67 0.42 -26.92
C SER B 126 -0.82 0.18 -27.09
N PHE B 127 -1.22 -1.09 -27.20
CA PHE B 127 -2.64 -1.39 -27.33
C PHE B 127 -3.34 -1.10 -26.01
N LEU B 128 -2.73 -1.51 -24.91
CA LEU B 128 -3.31 -1.29 -23.60
C LEU B 128 -3.29 0.20 -23.26
N GLN B 129 -2.35 0.92 -23.87
CA GLN B 129 -2.25 2.36 -23.64
C GLN B 129 -3.37 3.06 -24.39
N THR B 130 -3.59 2.69 -25.65
CA THR B 130 -4.65 3.34 -26.41
C THR B 130 -6.00 2.99 -25.81
N PHE B 131 -5.97 2.26 -24.70
CA PHE B 131 -7.20 1.93 -24.03
C PHE B 131 -7.43 2.96 -22.94
N ILE B 132 -7.62 4.15 -23.47
CA ILE B 132 -7.90 5.40 -22.80
C ILE B 132 -8.19 6.20 -24.08
N TRP B 133 -8.83 7.35 -23.98
CA TRP B 133 -9.15 8.10 -25.18
C TRP B 133 -7.90 8.46 -25.99
N LEU C 3 -3.08 -35.43 10.11
CA LEU C 3 -4.04 -34.53 10.83
C LEU C 3 -4.39 -33.32 9.97
N ALA C 4 -5.56 -32.73 10.22
CA ALA C 4 -6.05 -31.58 9.48
C ALA C 4 -6.48 -30.46 10.43
N TRP C 5 -7.06 -29.39 9.89
CA TRP C 5 -7.50 -28.24 10.69
C TRP C 5 -8.73 -27.51 10.12
N LEU C 6 -9.52 -26.91 10.99
CA LEU C 6 -10.68 -26.13 10.56
C LEU C 6 -10.12 -24.72 10.39
N ILE C 7 -10.70 -23.92 9.50
CA ILE C 7 -10.22 -22.58 9.22
C ILE C 7 -9.66 -21.77 10.40
N SER C 8 -10.20 -21.98 11.59
CA SER C 8 -9.75 -21.26 12.79
C SER C 8 -8.43 -21.79 13.36
N GLU C 9 -8.29 -23.10 13.37
CA GLU C 9 -7.10 -23.74 13.90
C GLU C 9 -5.99 -23.60 12.85
N PHE C 10 -6.39 -23.51 11.59
CA PHE C 10 -5.44 -23.36 10.49
C PHE C 10 -4.86 -21.95 10.53
N ALA C 11 -5.70 -20.99 10.92
CA ALA C 11 -5.27 -19.60 11.04
C ALA C 11 -4.13 -19.54 12.05
N SER C 12 -4.23 -20.33 13.11
CA SER C 12 -3.20 -20.38 14.14
C SER C 12 -1.96 -21.13 13.68
N VAL C 13 -2.14 -22.33 13.12
CA VAL C 13 -1.00 -23.11 12.64
C VAL C 13 -0.19 -22.22 11.72
N GLY C 14 -0.84 -21.75 10.66
CA GLY C 14 -0.17 -20.86 9.73
C GLY C 14 -0.46 -19.47 10.22
N ASP C 15 0.56 -18.77 10.69
CA ASP C 15 0.42 -17.43 11.24
C ASP C 15 -0.37 -16.44 10.37
N VAL C 16 -1.65 -16.74 10.13
CA VAL C 16 -2.53 -15.92 9.32
C VAL C 16 -3.87 -15.70 10.01
N THR C 17 -4.82 -15.08 9.32
CA THR C 17 -6.12 -14.83 9.91
C THR C 17 -7.22 -15.54 9.12
N VAL C 18 -8.42 -15.60 9.70
CA VAL C 18 -9.52 -16.22 9.00
C VAL C 18 -9.94 -15.33 7.84
N ARG C 19 -9.89 -14.01 8.04
CA ARG C 19 -10.23 -13.12 6.96
C ARG C 19 -9.31 -13.48 5.79
N ALA C 20 -8.01 -13.49 6.04
CA ALA C 20 -7.03 -13.79 5.01
C ALA C 20 -7.34 -15.11 4.31
N LEU C 21 -7.60 -16.16 5.10
CA LEU C 21 -7.88 -17.47 4.55
C LEU C 21 -9.16 -17.50 3.70
N ARG C 22 -10.17 -16.76 4.12
CA ARG C 22 -11.42 -16.71 3.36
C ARG C 22 -11.12 -16.02 2.04
N TYR C 23 -10.36 -14.94 2.11
CA TYR C 23 -9.98 -14.20 0.91
C TYR C 23 -9.21 -15.10 -0.05
N TYR C 24 -8.21 -15.83 0.45
CA TYR C 24 -7.43 -16.72 -0.40
C TYR C 24 -8.31 -17.78 -1.02
N ASP C 25 -9.30 -18.23 -0.25
CA ASP C 25 -10.24 -19.23 -0.73
C ASP C 25 -11.10 -18.60 -1.85
N LYS C 26 -11.59 -17.40 -1.61
CA LYS C 26 -12.39 -16.72 -2.62
C LYS C 26 -11.67 -16.49 -3.94
N ILE C 27 -10.47 -15.91 -3.89
CA ILE C 27 -9.71 -15.63 -5.12
C ILE C 27 -9.02 -16.86 -5.70
N ASN C 28 -9.33 -18.02 -5.13
CA ASN C 28 -8.75 -19.27 -5.58
C ASN C 28 -7.20 -19.35 -5.53
N LEU C 29 -6.59 -18.68 -4.56
CA LEU C 29 -5.14 -18.73 -4.41
C LEU C 29 -4.81 -19.96 -3.55
N LEU C 30 -5.72 -20.28 -2.64
CA LEU C 30 -5.59 -21.42 -1.75
C LEU C 30 -6.96 -21.85 -1.25
N LYS C 31 -7.39 -23.02 -1.68
CA LYS C 31 -8.66 -23.57 -1.25
C LYS C 31 -8.38 -24.81 -0.41
N PRO C 32 -9.20 -25.08 0.61
CA PRO C 32 -9.00 -26.25 1.46
C PRO C 32 -9.11 -27.54 0.66
N SER C 33 -8.18 -28.47 0.91
CA SER C 33 -8.17 -29.74 0.21
C SER C 33 -9.29 -30.68 0.63
N ASP C 34 -9.93 -30.39 1.76
CA ASP C 34 -10.99 -31.25 2.24
C ASP C 34 -12.16 -30.51 2.86
N TYR C 35 -13.12 -31.29 3.35
CA TYR C 35 -14.30 -30.76 4.01
C TYR C 35 -14.80 -31.79 5.01
N THR C 36 -15.46 -31.30 6.06
CA THR C 36 -16.00 -32.17 7.09
C THR C 36 -17.41 -32.56 6.65
N GLU C 37 -17.93 -33.64 7.21
CA GLU C 37 -19.28 -34.07 6.87
C GLU C 37 -20.24 -32.93 7.19
N GLY C 38 -19.93 -32.18 8.25
CA GLY C 38 -20.76 -31.05 8.63
C GLY C 38 -20.80 -30.02 7.53
N GLY C 39 -19.79 -30.04 6.66
CA GLY C 39 -19.71 -29.10 5.55
C GLY C 39 -18.78 -27.92 5.80
N HIS C 40 -17.78 -28.13 6.63
CA HIS C 40 -16.82 -27.08 6.96
C HIS C 40 -15.49 -27.26 6.24
N ARG C 41 -14.77 -26.17 6.04
CA ARG C 41 -13.47 -26.23 5.39
C ARG C 41 -12.58 -27.04 6.32
N LEU C 42 -11.77 -27.91 5.73
CA LEU C 42 -10.87 -28.76 6.49
C LEU C 42 -9.56 -28.77 5.73
N TYR C 43 -8.54 -28.15 6.32
CA TYR C 43 -7.22 -28.01 5.71
C TYR C 43 -6.25 -29.19 5.95
N THR C 44 -5.53 -29.53 4.89
CA THR C 44 -4.56 -30.62 4.89
C THR C 44 -3.15 -30.15 5.25
N LYS C 45 -2.25 -31.09 5.50
CA LYS C 45 -0.87 -30.77 5.80
C LYS C 45 -0.30 -30.18 4.51
N ASP C 46 -0.89 -30.56 3.39
CA ASP C 46 -0.46 -30.06 2.10
C ASP C 46 -0.84 -28.60 1.96
N ASP C 47 -2.07 -28.28 2.39
CA ASP C 47 -2.55 -26.91 2.33
C ASP C 47 -1.62 -26.07 3.17
N LEU C 48 -1.25 -26.59 4.34
CA LEU C 48 -0.36 -25.87 5.24
C LEU C 48 0.94 -25.48 4.56
N TYR C 49 1.46 -26.37 3.71
CA TYR C 49 2.69 -26.07 2.99
C TYR C 49 2.48 -25.08 1.86
N VAL C 50 1.35 -25.21 1.16
CA VAL C 50 1.06 -24.27 0.09
C VAL C 50 1.00 -22.90 0.75
N LEU C 51 0.37 -22.85 1.92
CA LEU C 51 0.23 -21.59 2.67
C LEU C 51 1.62 -21.01 3.02
N GLN C 52 2.52 -21.87 3.49
CA GLN C 52 3.87 -21.44 3.84
C GLN C 52 4.51 -20.83 2.62
N GLN C 53 4.28 -21.44 1.46
CA GLN C 53 4.82 -20.95 0.19
C GLN C 53 4.23 -19.60 -0.16
N ILE C 54 2.93 -19.45 0.04
CA ILE C 54 2.27 -18.18 -0.23
C ILE C 54 2.90 -17.11 0.67
N GLN C 55 3.05 -17.44 1.95
CA GLN C 55 3.65 -16.51 2.90
C GLN C 55 5.03 -16.13 2.39
N SER C 56 5.88 -17.11 2.13
CA SER C 56 7.20 -16.82 1.55
C SER C 56 6.80 -16.17 0.23
N PHE C 57 7.76 -15.64 -0.53
CA PHE C 57 7.37 -15.05 -1.82
C PHE C 57 6.53 -13.80 -1.66
N LYS C 58 5.54 -13.84 -0.77
CA LYS C 58 4.75 -12.65 -0.52
C LYS C 58 5.69 -11.75 0.29
N HIS C 59 6.61 -12.40 1.02
CA HIS C 59 7.60 -11.74 1.85
C HIS C 59 8.47 -10.96 0.90
N LEU C 60 8.62 -11.51 -0.30
CA LEU C 60 9.38 -10.82 -1.34
C LEU C 60 8.28 -9.97 -2.01
N GLY C 61 8.63 -9.01 -2.84
CA GLY C 61 7.58 -8.17 -3.41
C GLY C 61 6.64 -8.84 -4.39
N PHE C 62 6.45 -10.14 -4.28
CA PHE C 62 5.58 -10.83 -5.22
C PHE C 62 4.09 -10.63 -5.00
N SER C 63 3.38 -10.41 -6.11
CA SER C 63 1.93 -10.21 -6.05
C SER C 63 1.21 -11.55 -6.03
N LEU C 64 0.07 -11.59 -5.38
CA LEU C 64 -0.72 -12.81 -5.27
C LEU C 64 -0.70 -13.61 -6.57
N GLY C 65 -1.10 -12.98 -7.67
CA GLY C 65 -1.11 -13.66 -8.96
C GLY C 65 0.23 -14.30 -9.30
N GLU C 66 1.30 -13.52 -9.21
CA GLU C 66 2.64 -14.04 -9.49
C GLU C 66 2.92 -15.26 -8.61
N ILE C 67 2.50 -15.18 -7.35
CA ILE C 67 2.69 -16.26 -6.40
C ILE C 67 2.04 -17.56 -6.83
N GLN C 68 0.80 -17.50 -7.32
CA GLN C 68 0.10 -18.71 -7.76
C GLN C 68 0.90 -19.36 -8.87
N ASN C 69 1.39 -18.52 -9.80
CA ASN C 69 2.19 -19.02 -10.88
C ASN C 69 3.46 -19.69 -10.34
N ILE C 70 4.12 -19.03 -9.38
CA ILE C 70 5.36 -19.57 -8.79
C ILE C 70 5.12 -20.99 -8.29
N ILE C 71 4.09 -21.16 -7.46
CA ILE C 71 3.76 -22.45 -6.87
C ILE C 71 3.41 -23.52 -7.90
N LEU C 72 2.53 -23.21 -8.84
CA LEU C 72 2.13 -24.15 -9.88
C LEU C 72 3.33 -24.60 -10.73
N GLN C 73 4.30 -23.71 -10.87
CA GLN C 73 5.50 -24.01 -11.63
C GLN C 73 6.33 -25.08 -10.93
N ARG C 74 6.23 -25.15 -9.60
CA ARG C 74 6.97 -26.12 -8.78
C ARG C 74 8.46 -25.83 -8.64
N ASP C 75 9.08 -25.39 -9.72
CA ASP C 75 10.50 -25.00 -9.72
C ASP C 75 10.65 -23.91 -10.79
N ILE C 76 11.46 -22.91 -10.49
CA ILE C 76 11.66 -21.80 -11.42
C ILE C 76 13.15 -21.57 -11.73
N GLU C 77 13.43 -21.04 -12.91
CA GLU C 77 14.80 -20.79 -13.33
C GLU C 77 15.49 -19.90 -12.34
N THR C 78 16.53 -20.41 -11.71
CA THR C 78 17.28 -19.67 -10.72
C THR C 78 17.81 -18.32 -11.22
N GLU C 79 18.37 -18.30 -12.42
CA GLU C 79 18.94 -17.07 -12.96
C GLU C 79 17.98 -15.89 -12.98
N VAL C 80 16.80 -16.07 -13.59
CA VAL C 80 15.83 -14.97 -13.62
C VAL C 80 15.34 -14.63 -12.23
N PHE C 81 15.00 -15.65 -11.45
CA PHE C 81 14.53 -15.45 -10.10
C PHE C 81 15.47 -14.57 -9.26
N LEU C 82 16.74 -14.95 -9.16
CA LEU C 82 17.69 -14.16 -8.39
C LEU C 82 17.87 -12.76 -8.95
N ARG C 83 17.49 -12.58 -10.22
CA ARG C 83 17.61 -11.27 -10.85
C ARG C 83 16.46 -10.40 -10.34
N GLN C 84 15.30 -11.01 -10.13
CA GLN C 84 14.15 -10.29 -9.61
C GLN C 84 14.37 -9.96 -8.14
N HIS C 86 17.22 -9.54 -6.74
CA HIS C 86 18.25 -8.53 -6.61
C HIS C 86 17.67 -7.15 -6.93
N PHE C 87 16.63 -7.14 -7.75
CA PHE C 87 15.95 -5.90 -8.10
C PHE C 87 15.25 -5.41 -6.83
N GLN C 88 14.43 -6.28 -6.25
CA GLN C 88 13.70 -5.97 -5.03
C GLN C 88 14.67 -5.53 -3.95
N ARG C 89 15.90 -6.04 -4.01
CA ARG C 89 16.89 -5.65 -3.03
C ARG C 89 17.20 -4.15 -3.20
N GLU C 90 17.35 -3.72 -4.45
CA GLU C 90 17.60 -2.30 -4.72
C GLU C 90 16.37 -1.48 -4.32
N VAL C 91 15.20 -2.02 -4.57
CA VAL C 91 13.97 -1.33 -4.20
C VAL C 91 13.94 -1.13 -2.68
N LEU C 92 14.27 -2.18 -1.94
CA LEU C 92 14.27 -2.09 -0.49
C LEU C 92 15.37 -1.14 0.01
N LEU C 93 16.56 -1.21 -0.57
CA LEU C 93 17.64 -0.31 -0.15
C LEU C 93 17.27 1.16 -0.43
N ALA C 94 16.48 1.40 -1.46
CA ALA C 94 16.08 2.78 -1.78
C ALA C 94 15.10 3.26 -0.73
N GLU C 95 14.21 2.37 -0.31
CA GLU C 95 13.21 2.69 0.68
C GLU C 95 13.88 2.92 2.02
N GLN C 96 14.88 2.11 2.31
CA GLN C 96 15.62 2.20 3.55
C GLN C 96 16.32 3.55 3.68
N GLU C 97 16.90 4.03 2.59
CA GLU C 97 17.58 5.33 2.62
C GLU C 97 16.59 6.48 2.61
N ARG C 98 15.42 6.21 2.04
CA ARG C 98 14.35 7.19 1.96
C ARG C 98 13.90 7.46 3.40
N ILE C 99 13.64 6.39 4.16
CA ILE C 99 13.20 6.52 5.55
C ILE C 99 14.25 7.24 6.39
N ALA C 100 15.51 6.93 6.12
CA ALA C 100 16.61 7.55 6.83
C ALA C 100 16.51 9.05 6.68
N LYS C 101 16.23 9.50 5.45
CA LYS C 101 16.08 10.93 5.18
C LYS C 101 14.85 11.47 5.87
N VAL C 102 13.70 10.82 5.70
CA VAL C 102 12.47 11.27 6.32
C VAL C 102 12.62 11.43 7.82
N LEU C 103 13.27 10.46 8.47
CA LEU C 103 13.48 10.51 9.92
C LEU C 103 14.34 11.70 10.39
N SER C 104 15.44 11.95 9.70
CA SER C 104 16.28 13.07 10.08
C SER C 104 15.56 14.38 9.83
N HIS C 105 14.73 14.40 8.78
CA HIS C 105 13.94 15.59 8.46
C HIS C 105 12.93 15.80 9.58
N ASP C 107 13.20 14.84 12.78
CA ASP C 107 13.86 15.33 13.99
C ASP C 107 14.24 16.80 13.90
N GLU C 108 14.60 17.26 12.70
CA GLU C 108 14.96 18.65 12.51
C GLU C 108 13.76 19.54 12.79
N THR C 110 10.99 18.69 14.25
CA THR C 110 10.54 18.43 15.62
C THR C 110 11.27 19.36 16.60
N LYS C 111 12.59 19.42 16.49
CA LYS C 111 13.39 20.26 17.37
C LYS C 111 13.17 21.77 17.17
N LYS C 112 12.90 22.17 15.93
CA LYS C 112 12.65 23.58 15.60
C LYS C 112 11.34 24.14 16.14
N PHE C 113 10.27 23.39 16.00
CA PHE C 113 8.96 23.84 16.46
C PHE C 113 8.67 23.43 17.89
N GLN C 114 9.63 22.76 18.49
CA GLN C 114 9.54 22.27 19.86
C GLN C 114 9.08 23.31 20.92
N LYS C 115 9.66 24.51 20.88
CA LYS C 115 9.30 25.55 21.85
C LYS C 115 8.17 26.52 21.47
N GLU C 116 7.42 26.22 20.41
CA GLU C 116 6.30 27.09 19.99
C GLU C 116 5.02 26.67 20.71
N GLU C 117 4.07 27.60 20.85
CA GLU C 117 2.79 27.27 21.51
C GLU C 117 1.99 26.41 20.55
N ARG C 118 1.82 26.91 19.33
CA ARG C 118 1.09 26.20 18.30
C ARG C 118 2.05 25.95 17.15
N VAL C 119 1.80 24.91 16.38
CA VAL C 119 2.62 24.59 15.23
C VAL C 119 1.83 25.05 14.03
N ASN C 120 2.29 26.09 13.35
CA ASN C 120 1.58 26.57 12.18
C ASN C 120 1.85 25.62 11.04
N VAL C 121 0.81 24.90 10.61
CA VAL C 121 0.94 23.92 9.54
C VAL C 121 1.62 24.48 8.28
N ALA C 122 1.15 25.63 7.82
CA ALA C 122 1.71 26.26 6.62
C ALA C 122 3.20 26.56 6.77
N LEU C 123 3.61 27.07 7.92
CA LEU C 123 5.01 27.39 8.13
C LEU C 123 5.85 26.12 8.22
N PHE C 124 5.36 25.17 9.02
CA PHE C 124 6.03 23.88 9.20
C PHE C 124 6.37 23.32 7.83
N SER C 125 5.35 23.21 6.99
CA SER C 125 5.49 22.68 5.63
C SER C 125 6.51 23.49 4.85
N SER C 126 6.47 24.79 5.05
CA SER C 126 7.38 25.69 4.36
C SER C 126 8.84 25.37 4.71
N PHE C 127 9.14 25.24 6.01
CA PHE C 127 10.49 24.95 6.45
C PHE C 127 10.96 23.59 5.97
N LEU C 128 10.05 22.63 6.00
CA LEU C 128 10.38 21.28 5.57
C LEU C 128 10.75 21.34 4.10
N GLN C 129 9.89 21.95 3.30
CA GLN C 129 10.12 22.08 1.88
C GLN C 129 11.52 22.65 1.62
N THR C 130 11.87 23.69 2.39
CA THR C 130 13.16 24.34 2.24
C THR C 130 14.33 23.42 2.56
N PHE C 131 14.06 22.12 2.67
CA PHE C 131 15.12 21.16 2.94
C PHE C 131 15.64 20.56 1.65
N ILE C 132 16.54 21.33 1.04
CA ILE C 132 17.20 21.01 -0.22
C ILE C 132 18.56 21.74 -0.23
N LEU D 3 14.19 12.41 -31.03
CA LEU D 3 13.64 13.17 -29.86
C LEU D 3 14.55 13.11 -28.63
N ALA D 4 14.51 14.16 -27.81
CA ALA D 4 15.32 14.23 -26.61
C ALA D 4 14.54 14.92 -25.50
N TRP D 5 14.54 14.32 -24.32
CA TRP D 5 13.83 14.88 -23.19
C TRP D 5 14.68 15.05 -21.93
N LEU D 6 14.78 16.28 -21.45
CA LEU D 6 15.48 16.57 -20.21
C LEU D 6 14.48 16.00 -19.22
N ILE D 7 14.97 15.45 -18.12
CA ILE D 7 14.09 14.81 -17.14
C ILE D 7 12.75 15.50 -16.92
N SER D 8 12.79 16.81 -16.66
CA SER D 8 11.56 17.56 -16.42
C SER D 8 10.58 17.57 -17.59
N GLU D 9 11.09 17.57 -18.82
CA GLU D 9 10.22 17.57 -19.98
C GLU D 9 9.69 16.15 -20.16
N PHE D 10 10.52 15.18 -19.81
CA PHE D 10 10.13 13.79 -19.94
C PHE D 10 8.99 13.51 -18.96
N ALA D 11 9.17 13.98 -17.73
CA ALA D 11 8.18 13.80 -16.68
C ALA D 11 6.83 14.30 -17.17
N SER D 12 6.83 15.53 -17.66
CA SER D 12 5.62 16.17 -18.15
C SER D 12 4.89 15.48 -19.29
N VAL D 13 5.64 14.93 -20.25
CA VAL D 13 5.05 14.27 -21.40
C VAL D 13 4.55 12.85 -21.07
N GLY D 14 4.99 12.32 -19.94
CA GLY D 14 4.57 10.98 -19.55
C GLY D 14 3.74 11.00 -18.27
N ASP D 15 3.30 12.18 -17.88
CA ASP D 15 2.50 12.39 -16.68
C ASP D 15 3.04 11.57 -15.50
N VAL D 16 4.33 11.75 -15.26
CA VAL D 16 5.04 11.10 -14.19
C VAL D 16 5.87 12.21 -13.55
N THR D 17 6.14 12.10 -12.26
CA THR D 17 6.94 13.12 -11.60
C THR D 17 8.45 12.95 -11.86
N VAL D 18 9.18 14.06 -11.72
CA VAL D 18 10.62 14.05 -11.90
C VAL D 18 11.18 13.15 -10.80
N ARG D 19 10.45 13.11 -9.70
CA ARG D 19 10.82 12.31 -8.53
C ARG D 19 10.75 10.81 -8.83
N ALA D 20 9.69 10.40 -9.53
CA ALA D 20 9.50 9.00 -9.89
C ALA D 20 10.60 8.52 -10.86
N LEU D 21 10.93 9.37 -11.83
CA LEU D 21 11.94 9.07 -12.83
C LEU D 21 13.32 8.81 -12.23
N ARG D 22 13.62 9.52 -11.15
CA ARG D 22 14.90 9.37 -10.46
C ARG D 22 14.94 8.06 -9.70
N TYR D 23 13.75 7.61 -9.30
CA TYR D 23 13.60 6.37 -8.57
C TYR D 23 13.72 5.21 -9.57
N TYR D 24 13.04 5.32 -10.71
CA TYR D 24 13.10 4.25 -11.71
C TYR D 24 14.52 4.14 -12.22
N ASP D 25 15.25 5.24 -12.14
CA ASP D 25 16.63 5.28 -12.58
C ASP D 25 17.48 4.61 -11.50
N LYS D 26 17.23 4.97 -10.26
CA LYS D 26 17.98 4.41 -9.15
C LYS D 26 17.83 2.88 -9.09
N ILE D 27 16.59 2.39 -9.04
CA ILE D 27 16.36 0.94 -8.97
C ILE D 27 16.65 0.22 -10.27
N ASN D 28 17.03 1.00 -11.29
CA ASN D 28 17.34 0.48 -12.61
C ASN D 28 16.15 -0.06 -13.41
N LEU D 29 14.98 0.53 -13.22
CA LEU D 29 13.79 0.10 -13.94
C LEU D 29 13.74 0.86 -15.27
N LEU D 30 14.17 2.12 -15.23
CA LEU D 30 14.21 2.95 -16.42
C LEU D 30 15.31 3.97 -16.33
N LYS D 31 16.42 3.68 -16.99
CA LYS D 31 17.55 4.58 -17.04
C LYS D 31 17.52 5.31 -18.39
N PRO D 32 17.85 6.61 -18.40
CA PRO D 32 17.83 7.36 -19.65
C PRO D 32 18.89 6.84 -20.62
N SER D 33 18.55 6.72 -21.90
CA SER D 33 19.49 6.21 -22.90
C SER D 33 20.66 7.14 -23.17
N ASP D 34 20.50 8.41 -22.84
CA ASP D 34 21.56 9.38 -23.06
C ASP D 34 21.73 10.40 -21.94
N TYR D 35 22.92 10.98 -21.90
CA TYR D 35 23.21 11.99 -20.90
C TYR D 35 23.80 13.18 -21.61
N THR D 36 23.55 14.34 -21.04
CA THR D 36 24.06 15.60 -21.55
C THR D 36 25.56 15.53 -21.19
N GLU D 37 26.37 16.42 -21.73
CA GLU D 37 27.78 16.35 -21.42
C GLU D 37 28.08 16.89 -20.02
N GLY D 38 27.08 17.50 -19.40
CA GLY D 38 27.27 18.04 -18.07
C GLY D 38 26.49 17.32 -16.98
N GLY D 39 26.26 16.02 -17.17
CA GLY D 39 25.54 15.24 -16.18
C GLY D 39 24.04 15.06 -16.36
N HIS D 40 23.37 16.08 -16.92
CA HIS D 40 21.91 16.03 -17.12
C HIS D 40 21.48 14.85 -17.99
N ARG D 41 20.44 14.15 -17.55
CA ARG D 41 19.99 13.00 -18.32
C ARG D 41 19.10 13.38 -19.50
N LEU D 42 19.19 12.58 -20.55
CA LEU D 42 18.42 12.79 -21.76
C LEU D 42 17.64 11.55 -22.15
N TYR D 43 16.33 11.67 -22.21
CA TYR D 43 15.48 10.54 -22.57
C TYR D 43 15.15 10.48 -24.05
N THR D 44 15.13 9.27 -24.59
CA THR D 44 14.83 9.02 -26.00
C THR D 44 13.40 8.51 -26.18
N LYS D 45 12.98 8.39 -27.43
CA LYS D 45 11.63 7.90 -27.72
C LYS D 45 11.51 6.47 -27.19
N ASP D 46 12.61 5.73 -27.23
CA ASP D 46 12.60 4.36 -26.75
C ASP D 46 12.27 4.36 -25.25
N ASP D 47 12.95 5.24 -24.52
CA ASP D 47 12.71 5.36 -23.11
C ASP D 47 11.22 5.65 -22.88
N LEU D 48 10.63 6.46 -23.77
CA LEU D 48 9.22 6.79 -23.62
C LEU D 48 8.34 5.54 -23.72
N TYR D 49 8.75 4.58 -24.54
CA TYR D 49 7.98 3.34 -24.68
C TYR D 49 8.18 2.47 -23.46
N VAL D 50 9.40 2.47 -22.93
CA VAL D 50 9.71 1.70 -21.75
C VAL D 50 8.87 2.25 -20.61
N LEU D 51 8.71 3.58 -20.58
CA LEU D 51 7.92 4.22 -19.55
C LEU D 51 6.47 3.84 -19.71
N GLN D 52 6.00 3.87 -20.95
CA GLN D 52 4.62 3.51 -21.26
C GLN D 52 4.36 2.06 -20.84
N GLN D 53 5.35 1.21 -21.07
CA GLN D 53 5.28 -0.19 -20.72
C GLN D 53 5.23 -0.40 -19.21
N ILE D 54 6.09 0.29 -18.46
CA ILE D 54 6.09 0.14 -17.01
C ILE D 54 4.69 0.49 -16.52
N GLN D 55 4.12 1.55 -17.09
CA GLN D 55 2.78 2.01 -16.75
C GLN D 55 1.73 0.95 -17.04
N SER D 56 1.82 0.35 -18.22
CA SER D 56 0.87 -0.67 -18.65
C SER D 56 0.78 -1.90 -17.75
N PHE D 57 1.94 -2.47 -17.43
CA PHE D 57 1.97 -3.67 -16.62
C PHE D 57 1.72 -3.44 -15.13
N LYS D 58 1.99 -2.23 -14.68
CA LYS D 58 1.78 -1.88 -13.28
C LYS D 58 0.25 -1.98 -13.13
N HIS D 59 -0.43 -1.57 -14.20
CA HIS D 59 -1.88 -1.56 -14.34
C HIS D 59 -2.47 -2.97 -14.26
N LEU D 60 -1.68 -3.96 -14.67
CA LEU D 60 -2.10 -5.36 -14.67
C LEU D 60 -1.83 -6.05 -13.34
N GLY D 61 -1.17 -5.34 -12.41
CA GLY D 61 -0.90 -5.91 -11.10
C GLY D 61 0.47 -6.55 -10.90
N PHE D 62 1.33 -6.49 -11.91
CA PHE D 62 2.67 -7.07 -11.85
C PHE D 62 3.59 -6.33 -10.88
N SER D 63 4.42 -7.07 -10.15
CA SER D 63 5.34 -6.42 -9.21
C SER D 63 6.39 -5.72 -10.05
N LEU D 64 7.06 -4.73 -9.46
CA LEU D 64 8.08 -4.00 -10.21
C LEU D 64 9.20 -4.92 -10.68
N GLY D 65 9.44 -5.99 -9.92
CA GLY D 65 10.47 -6.94 -10.29
C GLY D 65 10.11 -7.76 -11.52
N GLU D 66 8.87 -8.18 -11.60
CA GLU D 66 8.43 -8.97 -12.74
C GLU D 66 8.35 -8.06 -13.95
N ILE D 67 7.89 -6.82 -13.74
CA ILE D 67 7.76 -5.86 -14.82
C ILE D 67 9.10 -5.68 -15.54
N GLN D 68 10.17 -5.55 -14.77
CA GLN D 68 11.50 -5.38 -15.36
C GLN D 68 11.84 -6.53 -16.29
N ASN D 69 11.70 -7.75 -15.79
CA ASN D 69 12.00 -8.95 -16.55
C ASN D 69 11.24 -8.98 -17.88
N ILE D 70 9.97 -8.60 -17.83
CA ILE D 70 9.11 -8.57 -19.01
C ILE D 70 9.63 -7.58 -20.04
N ILE D 71 9.86 -6.35 -19.59
CA ILE D 71 10.36 -5.28 -20.44
C ILE D 71 11.74 -5.55 -21.00
N LEU D 72 12.39 -6.61 -20.53
CA LEU D 72 13.72 -6.94 -21.03
C LEU D 72 13.68 -8.03 -22.12
N GLN D 73 12.48 -8.33 -22.59
CA GLN D 73 12.32 -9.35 -23.63
C GLN D 73 11.40 -8.81 -24.71
N ARG D 74 11.83 -8.89 -25.97
CA ARG D 74 11.00 -8.40 -27.07
C ARG D 74 9.67 -9.13 -27.07
N ASP D 75 9.72 -10.45 -27.24
CA ASP D 75 8.51 -11.28 -27.27
C ASP D 75 8.39 -12.12 -26.00
N ILE D 76 7.17 -12.54 -25.69
CA ILE D 76 6.91 -13.37 -24.52
C ILE D 76 5.68 -14.24 -24.76
N GLU D 77 5.58 -15.36 -24.05
CA GLU D 77 4.42 -16.22 -24.23
C GLU D 77 3.19 -15.47 -23.71
N THR D 78 2.21 -15.29 -24.59
CA THR D 78 0.98 -14.57 -24.28
C THR D 78 0.35 -15.03 -22.97
N GLU D 79 0.56 -16.28 -22.59
CA GLU D 79 0.03 -16.83 -21.34
C GLU D 79 0.44 -16.02 -20.11
N VAL D 80 1.66 -15.49 -20.13
CA VAL D 80 2.15 -14.71 -18.99
C VAL D 80 1.18 -13.58 -18.67
N PHE D 81 0.64 -12.93 -19.70
CA PHE D 81 -0.32 -11.86 -19.49
C PHE D 81 -1.71 -12.44 -19.19
N LEU D 82 -2.14 -13.39 -20.02
CA LEU D 82 -3.44 -14.01 -19.87
C LEU D 82 -3.69 -14.55 -18.47
N ARG D 83 -2.75 -15.34 -17.95
CA ARG D 83 -2.94 -15.88 -16.62
C ARG D 83 -3.00 -14.76 -15.58
N GLN D 84 -2.22 -13.71 -15.79
CA GLN D 84 -2.16 -12.58 -14.86
C GLN D 84 -3.44 -11.76 -14.80
N HIS D 86 -6.36 -12.72 -15.74
CA HIS D 86 -7.39 -13.61 -15.25
C HIS D 86 -7.42 -13.56 -13.72
N PHE D 87 -6.25 -13.68 -13.10
CA PHE D 87 -6.11 -13.65 -11.64
C PHE D 87 -6.50 -12.29 -11.06
N GLN D 88 -5.98 -11.22 -11.67
CA GLN D 88 -6.29 -9.87 -11.22
C GLN D 88 -7.78 -9.64 -11.30
N ARG D 89 -8.41 -10.21 -12.32
CA ARG D 89 -9.84 -10.02 -12.48
C ARG D 89 -10.59 -10.49 -11.23
N GLU D 90 -10.17 -11.61 -10.67
CA GLU D 90 -10.81 -12.13 -9.47
C GLU D 90 -10.48 -11.20 -8.30
N VAL D 91 -9.23 -10.75 -8.25
CA VAL D 91 -8.80 -9.85 -7.20
C VAL D 91 -9.67 -8.60 -7.20
N LEU D 92 -9.83 -7.98 -8.38
CA LEU D 92 -10.64 -6.77 -8.52
C LEU D 92 -12.12 -7.01 -8.28
N LEU D 93 -12.62 -8.20 -8.58
CA LEU D 93 -14.02 -8.48 -8.33
C LEU D 93 -14.29 -8.57 -6.83
N ALA D 94 -13.31 -9.09 -6.09
CA ALA D 94 -13.46 -9.21 -4.64
C ALA D 94 -13.38 -7.82 -4.03
N GLU D 95 -12.64 -6.93 -4.68
CA GLU D 95 -12.48 -5.57 -4.22
C GLU D 95 -13.77 -4.78 -4.42
N GLN D 96 -14.42 -4.98 -5.58
CA GLN D 96 -15.67 -4.29 -5.86
C GLN D 96 -16.69 -4.63 -4.77
N GLU D 97 -16.79 -5.92 -4.45
CA GLU D 97 -17.71 -6.37 -3.42
C GLU D 97 -17.32 -5.77 -2.08
N ARG D 98 -16.06 -5.90 -1.73
CA ARG D 98 -15.59 -5.36 -0.48
C ARG D 98 -15.91 -3.87 -0.34
N ILE D 99 -15.77 -3.12 -1.42
CA ILE D 99 -16.06 -1.70 -1.41
C ILE D 99 -17.56 -1.41 -1.36
N ALA D 100 -18.34 -2.08 -2.20
CA ALA D 100 -19.78 -1.86 -2.20
C ALA D 100 -20.35 -2.06 -0.80
N LYS D 101 -19.79 -3.02 -0.05
CA LYS D 101 -20.23 -3.28 1.31
C LYS D 101 -19.83 -2.16 2.27
N VAL D 102 -18.56 -1.75 2.22
CA VAL D 102 -18.08 -0.66 3.08
C VAL D 102 -18.93 0.58 2.85
N LEU D 103 -19.16 0.95 1.59
CA LEU D 103 -19.96 2.13 1.30
C LEU D 103 -21.35 1.99 1.91
N SER D 104 -21.93 0.80 1.81
CA SER D 104 -23.25 0.52 2.37
C SER D 104 -23.26 0.72 3.89
N HIS D 105 -22.20 0.25 4.55
CA HIS D 105 -22.05 0.37 5.98
C HIS D 105 -21.90 1.84 6.42
N ASP D 107 -23.34 4.41 4.94
CA ASP D 107 -24.69 4.97 4.89
C ASP D 107 -25.31 4.75 6.26
N GLU D 108 -25.30 3.49 6.71
CA GLU D 108 -25.84 3.14 8.01
C GLU D 108 -25.22 3.96 9.13
N THR D 110 -23.83 6.89 8.95
CA THR D 110 -24.30 8.25 8.83
C THR D 110 -25.71 8.36 9.39
N LYS D 111 -26.56 7.40 9.05
CA LYS D 111 -27.94 7.42 9.51
C LYS D 111 -28.08 7.46 11.03
N LYS D 112 -27.24 6.70 11.74
CA LYS D 112 -27.28 6.62 13.20
C LYS D 112 -26.65 7.72 14.06
N PHE D 113 -25.69 8.48 13.52
CA PHE D 113 -25.05 9.52 14.34
C PHE D 113 -25.08 10.92 13.72
N GLN D 114 -25.72 11.03 12.57
CA GLN D 114 -25.83 12.29 11.85
C GLN D 114 -26.43 13.41 12.72
N LYS D 115 -27.27 13.03 13.69
CA LYS D 115 -27.93 13.99 14.58
C LYS D 115 -27.15 14.35 15.84
N GLU D 116 -26.43 13.39 16.41
CA GLU D 116 -25.66 13.57 17.63
C GLU D 116 -24.70 14.74 17.57
N GLU D 117 -24.32 15.25 18.73
CA GLU D 117 -23.38 16.37 18.83
C GLU D 117 -21.96 15.80 18.82
N ARG D 118 -21.87 14.52 19.19
CA ARG D 118 -20.59 13.81 19.25
C ARG D 118 -20.88 12.35 19.01
N VAL D 119 -19.91 11.62 18.47
CA VAL D 119 -20.12 10.18 18.25
C VAL D 119 -19.23 9.45 19.26
N ASN D 120 -19.84 8.55 20.02
CA ASN D 120 -19.07 7.80 21.00
C ASN D 120 -18.29 6.71 20.29
N VAL D 121 -16.98 6.89 20.22
CA VAL D 121 -16.11 5.93 19.55
C VAL D 121 -16.42 4.46 19.91
N ALA D 122 -16.53 4.17 21.21
CA ALA D 122 -16.83 2.81 21.65
C ALA D 122 -18.18 2.37 21.13
N LEU D 123 -19.18 3.24 21.29
CA LEU D 123 -20.54 2.96 20.84
C LEU D 123 -20.59 2.82 19.33
N PHE D 124 -19.85 3.69 18.64
CA PHE D 124 -19.80 3.68 17.20
C PHE D 124 -19.22 2.35 16.72
N SER D 125 -18.07 1.99 17.29
CA SER D 125 -17.40 0.75 16.93
C SER D 125 -18.25 -0.49 17.16
N SER D 126 -18.93 -0.56 18.30
CA SER D 126 -19.75 -1.74 18.58
C SER D 126 -20.93 -1.80 17.63
N PHE D 127 -21.46 -0.63 17.30
CA PHE D 127 -22.58 -0.58 16.38
C PHE D 127 -22.12 -1.03 14.98
N LEU D 128 -20.98 -0.50 14.53
CA LEU D 128 -20.42 -0.87 13.23
C LEU D 128 -20.06 -2.36 13.23
N GLN D 129 -19.59 -2.86 14.36
CA GLN D 129 -19.23 -4.28 14.49
C GLN D 129 -20.45 -5.15 14.22
N THR D 130 -21.62 -4.66 14.60
CA THR D 130 -22.85 -5.40 14.39
C THR D 130 -22.97 -5.80 12.92
N PHE D 131 -22.59 -4.88 12.04
CA PHE D 131 -22.61 -5.11 10.60
C PHE D 131 -21.31 -5.85 10.24
N ILE D 132 -20.43 -5.94 11.23
CA ILE D 132 -19.12 -6.58 11.11
C ILE D 132 -18.12 -5.63 10.46
#